data_4P7R
#
_entry.id   4P7R
#
_cell.length_a   42.232
_cell.length_b   77.786
_cell.length_c   114.844
_cell.angle_alpha   90.00
_cell.angle_beta   90.00
_cell.angle_gamma   90.00
#
_symmetry.space_group_name_H-M   'P 21 21 21'
#
loop_
_entity.id
_entity.type
_entity.pdbx_description
1 polymer 'Poly-beta-1,6-N-acetyl-D-glucosamine N-deacetylase'
2 branched 2-acetamido-2-deoxy-beta-D-glucopyranose-(1-6)-2-acetamido-2-deoxy-beta-D-glucopyranose-(1-6)-2-acetamido-2-deoxy-beta-D-glucopyranose-(1-6)-2-acetamido-2-deoxy-beta-D-glucopyranose
3 non-polymer 1,2-ETHANEDIOL
4 water water
#
_entity_poly.entity_id   1
_entity_poly.type   'polypeptide(L)'
_entity_poly.pdbx_seq_one_letter_code
;GSHMEKSPQRIMHIDLDYVYDENLQQMDRNIDVLIQRVKDMQISTVYLQAFADPDGDGLVKEVWFPNRLLPMKADIFSRV
AWQLRTRSGVNIYAWMPVLSWDLDPTLTRVKYLPTGEKKAQIHPEQYHRLSPFDDRVRAQVGMLYEDLAGHAAFDGILFH
DDALLSDYEDASAPAITAYQQAGFSGSLSEIRQNPEQFKQWARFKSRALTDFTLELSARVKAIRGPHIKTARNIFALPVI
QPESEAWFAQNYADFLKSYDWTAIMAMPYLEGVAEKSADQWLIQLTNQIKNIPQAKDKSILELQAQNWQKNGQHQAISSQ
QLAHWMSLLQLNGVKNYGYYPDNFLHNQPEIDLIRPEFSTAWYPKND
;
_entity_poly.pdbx_strand_id   A
#
# COMPACT_ATOMS: atom_id res chain seq x y z
N GLU A 5 -5.03 19.44 -5.55
CA GLU A 5 -4.12 19.02 -4.48
C GLU A 5 -2.86 19.87 -4.42
N LYS A 6 -2.89 20.91 -3.61
CA LYS A 6 -1.76 21.84 -3.48
C LYS A 6 -0.60 21.21 -2.73
N SER A 7 0.62 21.56 -3.15
CA SER A 7 1.85 20.93 -2.67
C SER A 7 2.52 21.74 -1.57
N PRO A 8 3.46 21.12 -0.82
CA PRO A 8 3.92 19.74 -0.84
C PRO A 8 2.91 18.78 -0.23
N GLN A 9 2.99 17.50 -0.58
CA GLN A 9 2.11 16.53 0.03
C GLN A 9 2.78 15.96 1.27
N ARG A 10 2.04 15.95 2.37
CA ARG A 10 2.57 15.45 3.63
C ARG A 10 1.53 14.50 4.19
N ILE A 11 1.90 13.23 4.32
CA ILE A 11 0.94 12.14 4.47
C ILE A 11 1.12 11.41 5.79
N MET A 12 0.01 11.21 6.53
CA MET A 12 0.03 10.31 7.68
C MET A 12 -0.70 9.04 7.25
N HIS A 13 -0.10 7.89 7.49
CA HIS A 13 -0.65 6.62 7.04
C HIS A 13 -1.12 5.90 8.30
N ILE A 14 -2.43 5.71 8.42
CA ILE A 14 -3.08 5.42 9.69
C ILE A 14 -3.91 4.14 9.72
N ASP A 15 -3.62 3.26 10.69
CA ASP A 15 -4.42 2.04 10.94
C ASP A 15 -5.55 2.34 11.91
N LEU A 16 -6.73 1.80 11.64
CA LEU A 16 -7.86 1.96 12.57
C LEU A 16 -7.90 0.84 13.59
N ASP A 17 -7.02 -0.15 13.46
CA ASP A 17 -6.92 -1.20 14.46
C ASP A 17 -6.64 -0.59 15.83
N TYR A 18 -5.90 0.52 15.85
CA TYR A 18 -5.53 1.22 17.09
C TYR A 18 -6.73 1.91 17.75
N VAL A 19 -7.65 2.35 16.89
CA VAL A 19 -8.82 3.11 17.32
C VAL A 19 -9.90 2.22 17.89
N TYR A 20 -10.02 1.03 17.31
CA TYR A 20 -11.03 0.06 17.75
C TYR A 20 -10.93 -0.30 19.23
N ASP A 21 -12.10 -0.37 19.87
CA ASP A 21 -12.23 -0.87 21.22
C ASP A 21 -13.61 -1.49 21.35
N GLU A 22 -13.72 -2.60 22.08
CA GLU A 22 -15.00 -3.27 22.31
C GLU A 22 -15.97 -2.38 23.08
N ASN A 23 -15.42 -1.46 23.85
CA ASN A 23 -16.23 -0.50 24.58
C ASN A 23 -16.47 0.71 23.70
N LEU A 24 -17.74 0.98 23.37
CA LEU A 24 -18.08 2.03 22.42
C LEU A 24 -17.64 3.41 22.89
N GLN A 25 -17.78 3.67 24.19
CA GLN A 25 -17.41 4.97 24.72
C GLN A 25 -15.90 5.18 24.60
N GLN A 26 -15.12 4.15 24.89
CA GLN A 26 -13.68 4.26 24.73
C GLN A 26 -13.32 4.48 23.25
N MET A 27 -14.01 3.79 22.36
CA MET A 27 -13.74 3.94 20.94
C MET A 27 -14.06 5.36 20.49
N ASP A 28 -15.15 5.92 21.00
CA ASP A 28 -15.49 7.32 20.72
C ASP A 28 -14.38 8.27 21.15
N ARG A 29 -13.84 8.07 22.35
CA ARG A 29 -12.78 8.95 22.84
C ARG A 29 -11.53 8.78 21.98
N ASN A 30 -11.27 7.54 21.57
CA ASN A 30 -10.13 7.26 20.69
C ASN A 30 -10.23 8.03 19.38
N ILE A 31 -11.41 8.00 18.78
CA ILE A 31 -11.62 8.67 17.50
C ILE A 31 -11.44 10.17 17.68
N ASP A 32 -11.97 10.70 18.78
CA ASP A 32 -11.83 12.13 19.05
C ASP A 32 -10.35 12.55 19.18
N VAL A 33 -9.57 11.76 19.91
CA VAL A 33 -8.15 12.05 20.07
C VAL A 33 -7.42 11.98 18.72
N LEU A 34 -7.74 10.97 17.94
CA LEU A 34 -7.16 10.85 16.59
C LEU A 34 -7.47 12.07 15.72
N ILE A 35 -8.72 12.50 15.73
CA ILE A 35 -9.14 13.64 14.88
C ILE A 35 -8.34 14.87 15.29
N GLN A 36 -8.22 15.09 16.60
CA GLN A 36 -7.50 16.26 17.10
C GLN A 36 -6.01 16.17 16.75
N ARG A 37 -5.47 14.98 16.84
CA ARG A 37 -4.05 14.78 16.53
C ARG A 37 -3.76 15.13 15.08
N VAL A 38 -4.59 14.65 14.17
CA VAL A 38 -4.36 14.94 12.76
C VAL A 38 -4.55 16.45 12.50
N LYS A 39 -5.54 17.04 13.15
CA LYS A 39 -5.75 18.49 13.01
C LYS A 39 -4.51 19.25 13.47
N ASP A 40 -3.96 18.85 14.62
CA ASP A 40 -2.79 19.51 15.19
C ASP A 40 -1.54 19.35 14.33
N MET A 41 -1.44 18.24 13.61
CA MET A 41 -0.26 17.97 12.79
C MET A 41 -0.17 18.95 11.63
N GLN A 42 -1.32 19.37 11.12
CA GLN A 42 -1.40 20.33 10.01
C GLN A 42 -0.63 19.85 8.78
N ILE A 43 -1.08 18.74 8.23
CA ILE A 43 -0.48 18.18 7.02
C ILE A 43 -1.58 18.02 5.95
N SER A 44 -1.33 17.30 4.87
CA SER A 44 -2.25 17.44 3.75
C SER A 44 -3.21 16.28 3.56
N THR A 45 -2.78 15.06 3.94
CA THR A 45 -3.45 13.85 3.50
C THR A 45 -3.31 12.73 4.53
N VAL A 46 -4.38 11.98 4.70
CA VAL A 46 -4.31 10.73 5.48
C VAL A 46 -4.64 9.54 4.58
N TYR A 47 -3.76 8.53 4.58
CA TYR A 47 -4.08 7.25 3.99
C TYR A 47 -4.73 6.42 5.08
N LEU A 48 -6.02 6.14 4.95
CA LEU A 48 -6.76 5.58 6.08
C LEU A 48 -7.16 4.12 5.86
N GLN A 49 -6.75 3.26 6.78
CA GLN A 49 -7.02 1.82 6.71
C GLN A 49 -8.51 1.53 6.66
N ALA A 50 -8.96 0.79 5.65
CA ALA A 50 -10.39 0.48 5.52
C ALA A 50 -10.70 -0.96 5.95
N PHE A 51 -9.63 -1.73 6.18
CA PHE A 51 -9.70 -3.15 6.55
C PHE A 51 -9.16 -3.40 7.95
N ALA A 52 -9.60 -4.46 8.62
CA ALA A 52 -9.02 -4.80 9.91
C ALA A 52 -7.82 -5.72 9.73
N ASP A 53 -6.77 -5.47 10.50
CA ASP A 53 -5.61 -6.38 10.50
C ASP A 53 -4.98 -6.46 11.88
N PRO A 54 -5.73 -6.99 12.86
CA PRO A 54 -5.24 -7.03 14.25
C PRO A 54 -4.01 -7.90 14.43
N ASP A 55 -3.83 -8.91 13.59
CA ASP A 55 -2.79 -9.91 13.82
C ASP A 55 -1.60 -9.87 12.85
N GLY A 56 -1.69 -9.02 11.83
CA GLY A 56 -0.62 -8.89 10.85
C GLY A 56 -0.33 -10.19 10.13
N ASP A 57 -1.40 -10.95 9.83
CA ASP A 57 -1.24 -12.27 9.25
C ASP A 57 -1.31 -12.27 7.71
N GLY A 58 -1.40 -11.08 7.11
CA GLY A 58 -1.31 -10.96 5.66
C GLY A 58 -2.57 -11.42 4.93
N LEU A 59 -3.70 -11.31 5.61
CA LEU A 59 -4.97 -11.78 5.08
C LEU A 59 -6.07 -11.01 5.77
N VAL A 60 -6.95 -10.39 4.99
CA VAL A 60 -8.05 -9.61 5.57
C VAL A 60 -9.29 -10.46 5.73
N LYS A 61 -9.76 -10.57 6.97
CA LYS A 61 -10.92 -11.39 7.30
C LYS A 61 -12.14 -10.54 7.64
N GLU A 62 -11.91 -9.30 8.06
CA GLU A 62 -12.95 -8.36 8.46
C GLU A 62 -12.58 -6.94 8.04
N VAL A 63 -13.59 -6.08 7.91
CA VAL A 63 -13.35 -4.72 7.44
C VAL A 63 -14.11 -3.70 8.29
N TRP A 64 -13.90 -2.43 7.98
CA TRP A 64 -14.41 -1.34 8.80
C TRP A 64 -15.62 -0.66 8.15
N PHE A 65 -16.24 -1.34 7.19
CA PHE A 65 -17.39 -0.77 6.48
C PHE A 65 -18.40 -1.86 6.12
N PRO A 66 -19.69 -1.47 6.00
CA PRO A 66 -20.75 -2.40 5.61
C PRO A 66 -20.52 -2.92 4.20
N ASN A 67 -20.76 -4.22 3.99
CA ASN A 67 -20.47 -4.80 2.68
C ASN A 67 -21.13 -6.17 2.53
N ARG A 68 -21.09 -6.70 1.32
CA ARG A 68 -21.84 -7.89 0.96
C ARG A 68 -21.12 -9.22 1.23
N LEU A 69 -19.80 -9.17 1.45
CA LEU A 69 -18.97 -10.38 1.41
C LEU A 69 -18.20 -10.75 2.69
N LEU A 70 -17.81 -9.77 3.49
CA LEU A 70 -16.99 -10.02 4.68
C LEU A 70 -17.60 -9.39 5.92
N PRO A 71 -17.33 -9.98 7.09
CA PRO A 71 -17.81 -9.41 8.34
C PRO A 71 -17.31 -7.98 8.55
N MET A 72 -18.17 -7.12 9.10
CA MET A 72 -17.77 -5.78 9.45
C MET A 72 -17.46 -5.78 10.94
N LYS A 73 -16.20 -5.52 11.29
CA LYS A 73 -15.80 -5.57 12.69
C LYS A 73 -16.40 -4.39 13.46
N ALA A 74 -16.45 -3.25 12.80
CA ALA A 74 -17.09 -2.05 13.35
C ALA A 74 -17.31 -1.07 12.22
N ASP A 75 -18.44 -0.36 12.24
CA ASP A 75 -18.73 0.62 11.21
C ASP A 75 -18.04 1.93 11.55
N ILE A 76 -16.73 2.04 11.27
CA ILE A 76 -16.00 3.24 11.66
C ILE A 76 -15.18 3.93 10.58
N PHE A 77 -14.99 3.30 9.41
CA PHE A 77 -14.24 3.97 8.36
C PHE A 77 -14.95 5.26 7.93
N SER A 78 -16.24 5.18 7.65
CA SER A 78 -16.92 6.35 7.08
C SER A 78 -16.99 7.46 8.12
N ARG A 79 -17.14 7.07 9.38
CA ARG A 79 -17.24 7.99 10.49
C ARG A 79 -15.93 8.73 10.73
N VAL A 80 -14.81 8.00 10.69
CA VAL A 80 -13.53 8.65 10.87
C VAL A 80 -13.20 9.51 9.65
N ALA A 81 -13.54 9.02 8.47
CA ALA A 81 -13.22 9.73 7.23
C ALA A 81 -13.86 11.12 7.17
N TRP A 82 -15.16 11.21 7.43
CA TRP A 82 -15.80 12.51 7.23
C TRP A 82 -15.32 13.53 8.27
N GLN A 83 -14.96 13.05 9.45
CA GLN A 83 -14.47 13.95 10.50
C GLN A 83 -13.07 14.45 10.18
N LEU A 84 -12.22 13.58 9.66
CA LEU A 84 -10.90 14.01 9.23
C LEU A 84 -10.99 15.01 8.07
N ARG A 85 -11.97 14.82 7.19
CA ARG A 85 -12.09 15.69 6.02
C ARG A 85 -12.66 17.08 6.34
N THR A 86 -13.37 17.21 7.45
CA THR A 86 -14.09 18.45 7.77
C THR A 86 -13.60 19.15 9.02
N ARG A 87 -12.96 18.40 9.91
CA ARG A 87 -12.44 18.99 11.14
C ARG A 87 -10.91 19.09 11.11
N SER A 88 -10.25 18.07 10.55
CA SER A 88 -8.79 18.01 10.57
C SER A 88 -8.13 18.57 9.31
N GLY A 89 -8.94 18.90 8.31
CA GLY A 89 -8.45 19.59 7.12
C GLY A 89 -7.60 18.77 6.17
N VAL A 90 -7.86 17.47 6.07
CA VAL A 90 -7.06 16.61 5.21
C VAL A 90 -7.90 15.92 4.15
N ASN A 91 -7.26 15.57 3.05
CA ASN A 91 -7.83 14.64 2.10
C ASN A 91 -7.73 13.23 2.67
N ILE A 92 -8.65 12.36 2.29
CA ILE A 92 -8.59 10.97 2.76
C ILE A 92 -8.48 10.01 1.60
N TYR A 93 -7.47 9.14 1.64
CA TYR A 93 -7.39 8.02 0.71
C TYR A 93 -7.78 6.74 1.44
N ALA A 94 -8.69 5.98 0.87
CA ALA A 94 -9.10 4.71 1.43
C ALA A 94 -8.03 3.69 1.09
N TRP A 95 -7.40 3.14 2.11
CA TRP A 95 -6.33 2.17 1.95
C TRP A 95 -6.95 0.78 1.92
N MET A 96 -6.81 0.10 0.78
CA MET A 96 -7.46 -1.18 0.53
C MET A 96 -6.48 -2.21 -0.02
N PRO A 97 -6.55 -3.44 0.50
CA PRO A 97 -5.85 -4.57 -0.13
C PRO A 97 -6.28 -4.72 -1.58
N VAL A 98 -5.38 -5.16 -2.44
CA VAL A 98 -5.77 -5.45 -3.80
C VAL A 98 -6.24 -6.90 -3.89
N LEU A 99 -5.48 -7.80 -3.27
CA LEU A 99 -5.69 -9.25 -3.47
C LEU A 99 -5.89 -10.10 -2.21
N SER A 100 -5.44 -9.62 -1.05
CA SER A 100 -5.32 -10.48 0.13
C SER A 100 -6.60 -10.54 0.96
N TRP A 101 -7.63 -11.12 0.36
CA TRP A 101 -8.95 -11.17 0.98
C TRP A 101 -9.36 -12.61 1.28
N ASP A 102 -9.99 -12.82 2.44
CA ASP A 102 -10.37 -14.16 2.88
C ASP A 102 -11.75 -14.54 2.36
N LEU A 103 -11.85 -14.62 1.05
CA LEU A 103 -13.09 -14.91 0.38
C LEU A 103 -13.33 -16.41 0.13
N ASP A 104 -14.47 -16.72 -0.46
CA ASP A 104 -14.91 -18.09 -0.82
C ASP A 104 -13.73 -18.98 -1.19
N PRO A 105 -13.62 -20.16 -0.58
CA PRO A 105 -12.47 -21.05 -0.88
C PRO A 105 -12.34 -21.43 -2.36
N THR A 106 -13.43 -21.38 -3.14
CA THR A 106 -13.31 -21.80 -4.54
C THR A 106 -12.66 -20.72 -5.40
N LEU A 107 -12.47 -19.53 -4.85
CA LEU A 107 -11.73 -18.49 -5.57
C LEU A 107 -10.26 -18.86 -5.64
N THR A 108 -9.65 -18.62 -6.80
CA THR A 108 -8.26 -18.98 -7.02
C THR A 108 -7.30 -18.18 -6.16
N ARG A 109 -6.43 -18.88 -5.43
CA ARG A 109 -5.31 -18.24 -4.72
C ARG A 109 -4.07 -18.14 -5.62
N VAL A 110 -3.31 -17.06 -5.48
CA VAL A 110 -1.97 -17.01 -6.08
C VAL A 110 -1.16 -18.19 -5.53
N LYS A 111 -0.46 -18.89 -6.42
CA LYS A 111 0.45 -19.93 -5.98
C LYS A 111 1.82 -19.75 -6.62
N TYR A 112 2.82 -20.37 -6.02
CA TYR A 112 4.16 -20.42 -6.60
C TYR A 112 4.56 -21.84 -6.90
N LEU A 113 5.51 -21.97 -7.82
CA LEU A 113 5.97 -23.30 -8.21
C LEU A 113 7.32 -23.56 -7.53
N PRO A 114 7.35 -24.46 -6.53
CA PRO A 114 8.60 -24.65 -5.80
C PRO A 114 9.64 -25.37 -6.66
N THR A 115 10.91 -24.98 -6.52
CA THR A 115 11.96 -25.65 -7.27
C THR A 115 12.01 -27.12 -6.86
N GLY A 116 11.91 -28.00 -7.86
CA GLY A 116 12.05 -29.42 -7.61
C GLY A 116 10.76 -30.10 -7.20
N GLU A 117 9.70 -29.32 -7.13
CA GLU A 117 8.36 -29.85 -6.86
C GLU A 117 7.45 -29.62 -8.06
N LYS A 118 6.51 -30.53 -8.30
CA LYS A 118 5.64 -30.44 -9.46
C LYS A 118 4.33 -29.66 -9.20
N LYS A 119 3.85 -29.74 -7.97
CA LYS A 119 2.58 -29.10 -7.62
C LYS A 119 2.81 -27.68 -7.08
N ALA A 120 2.00 -26.72 -7.52
CA ALA A 120 2.12 -25.36 -7.00
C ALA A 120 1.64 -25.26 -5.55
N GLN A 121 2.19 -24.31 -4.81
CA GLN A 121 1.90 -24.16 -3.39
C GLN A 121 1.68 -22.70 -3.03
N ILE A 122 1.27 -22.46 -1.80
CA ILE A 122 1.10 -21.10 -1.30
C ILE A 122 2.22 -20.81 -0.32
N HIS A 123 2.98 -19.75 -0.54
CA HIS A 123 4.11 -19.49 0.36
C HIS A 123 3.66 -18.81 1.64
N PRO A 124 4.05 -19.37 2.81
CA PRO A 124 3.56 -18.87 4.10
C PRO A 124 4.08 -17.47 4.44
N GLU A 125 5.17 -17.06 3.80
CA GLU A 125 5.76 -15.77 4.15
C GLU A 125 5.32 -14.63 3.23
N GLN A 126 4.40 -14.92 2.31
CA GLN A 126 3.86 -13.88 1.43
C GLN A 126 2.44 -13.47 1.87
N TYR A 127 2.01 -12.30 1.43
CA TYR A 127 0.59 -11.95 1.50
C TYR A 127 -0.26 -13.07 0.92
N HIS A 128 -1.36 -13.39 1.59
CA HIS A 128 -2.26 -14.44 1.12
C HIS A 128 -3.19 -13.91 0.01
N ARG A 129 -2.62 -13.82 -1.18
CA ARG A 129 -3.24 -13.13 -2.30
C ARG A 129 -4.19 -14.03 -3.10
N LEU A 130 -5.36 -13.48 -3.46
CA LEU A 130 -6.18 -14.10 -4.50
C LEU A 130 -5.57 -13.81 -5.88
N SER A 131 -5.83 -14.67 -6.86
CA SER A 131 -5.25 -14.48 -8.19
C SER A 131 -6.02 -13.48 -9.03
N PRO A 132 -5.29 -12.49 -9.59
CA PRO A 132 -5.90 -11.47 -10.45
C PRO A 132 -6.26 -12.05 -11.82
N PHE A 133 -5.89 -13.31 -12.07
CA PHE A 133 -6.18 -13.98 -13.32
C PHE A 133 -7.50 -14.76 -13.27
N ASP A 134 -8.13 -14.74 -12.11
CA ASP A 134 -9.44 -15.37 -11.89
C ASP A 134 -10.49 -14.26 -11.98
N ASP A 135 -11.37 -14.31 -12.99
CA ASP A 135 -12.36 -13.26 -13.16
C ASP A 135 -13.38 -13.18 -12.02
N ARG A 136 -13.63 -14.30 -11.35
CA ARG A 136 -14.55 -14.28 -10.19
C ARG A 136 -13.94 -13.47 -9.05
N VAL A 137 -12.62 -13.60 -8.88
CA VAL A 137 -11.87 -12.81 -7.91
C VAL A 137 -11.99 -11.34 -8.24
N ARG A 138 -11.80 -11.01 -9.51
CA ARG A 138 -11.89 -9.61 -9.94
C ARG A 138 -13.27 -9.05 -9.63
N ALA A 139 -14.30 -9.86 -9.84
CA ALA A 139 -15.67 -9.43 -9.58
C ALA A 139 -15.94 -9.25 -8.09
N GLN A 140 -15.50 -10.20 -7.26
CA GLN A 140 -15.80 -10.09 -5.83
C GLN A 140 -14.99 -9.00 -5.15
N VAL A 141 -13.72 -8.85 -5.51
CA VAL A 141 -12.95 -7.74 -4.94
C VAL A 141 -13.59 -6.42 -5.43
N GLY A 142 -14.02 -6.40 -6.69
CA GLY A 142 -14.76 -5.26 -7.22
C GLY A 142 -15.95 -4.89 -6.36
N MET A 143 -16.69 -5.91 -5.90
CA MET A 143 -17.84 -5.70 -5.04
C MET A 143 -17.48 -5.03 -3.71
N LEU A 144 -16.35 -5.42 -3.14
CA LEU A 144 -15.89 -4.84 -1.87
C LEU A 144 -15.56 -3.36 -2.04
N TYR A 145 -14.88 -3.04 -3.14
CA TYR A 145 -14.57 -1.64 -3.45
C TYR A 145 -15.85 -0.85 -3.73
N GLU A 146 -16.81 -1.45 -4.43
CA GLU A 146 -18.07 -0.77 -4.68
C GLU A 146 -18.81 -0.52 -3.37
N ASP A 147 -18.73 -1.47 -2.45
CA ASP A 147 -19.45 -1.32 -1.18
C ASP A 147 -18.83 -0.19 -0.34
N LEU A 148 -17.50 -0.11 -0.35
CA LEU A 148 -16.83 1.00 0.33
C LEU A 148 -17.23 2.34 -0.31
N ALA A 149 -17.21 2.39 -1.64
CA ALA A 149 -17.55 3.61 -2.36
C ALA A 149 -18.97 4.08 -2.09
N GLY A 150 -19.88 3.13 -1.94
CA GLY A 150 -21.27 3.45 -1.69
C GLY A 150 -21.53 4.01 -0.31
N HIS A 151 -20.77 3.58 0.69
CA HIS A 151 -21.09 3.89 2.07
C HIS A 151 -20.19 4.96 2.69
N ALA A 152 -19.08 5.29 2.04
CA ALA A 152 -18.17 6.28 2.59
C ALA A 152 -17.78 7.30 1.53
N ALA A 153 -17.51 8.52 1.98
CA ALA A 153 -17.00 9.57 1.10
C ALA A 153 -15.52 9.78 1.39
N PHE A 154 -14.73 9.91 0.33
CA PHE A 154 -13.28 10.03 0.46
C PHE A 154 -12.72 10.61 -0.84
N ASP A 155 -11.44 10.97 -0.82
CA ASP A 155 -10.85 11.75 -1.89
C ASP A 155 -9.98 10.92 -2.83
N GLY A 156 -9.57 9.75 -2.36
CA GLY A 156 -8.73 8.88 -3.16
C GLY A 156 -8.72 7.45 -2.69
N ILE A 157 -8.05 6.60 -3.46
CA ILE A 157 -7.80 5.18 -3.12
C ILE A 157 -6.29 4.97 -3.01
N LEU A 158 -5.83 4.36 -1.93
CA LEU A 158 -4.46 3.84 -1.89
C LEU A 158 -4.51 2.32 -2.07
N PHE A 159 -3.93 1.84 -3.17
CA PHE A 159 -3.81 0.40 -3.41
C PHE A 159 -2.64 -0.16 -2.63
N HIS A 160 -2.92 -1.18 -1.82
CA HIS A 160 -1.96 -1.86 -0.94
C HIS A 160 -0.76 -2.40 -1.70
N ASP A 161 0.35 -2.62 -0.98
CA ASP A 161 1.55 -3.20 -1.58
C ASP A 161 1.41 -4.71 -1.82
N ASP A 162 0.23 -5.28 -1.56
CA ASP A 162 0.07 -6.73 -1.77
C ASP A 162 -0.18 -7.07 -3.24
N ALA A 163 -0.26 -6.04 -4.09
CA ALA A 163 -0.29 -6.25 -5.54
C ALA A 163 1.14 -6.48 -6.02
N LEU A 164 1.65 -7.68 -5.75
CA LEU A 164 2.98 -8.07 -6.23
C LEU A 164 2.95 -9.57 -6.57
N LEU A 165 3.90 -9.97 -7.40
CA LEU A 165 4.07 -11.39 -7.77
C LEU A 165 5.55 -11.67 -7.94
N SER A 166 6.01 -12.83 -7.47
CA SER A 166 7.42 -13.18 -7.64
C SER A 166 7.69 -13.85 -8.97
N ASP A 167 8.96 -14.21 -9.21
CA ASP A 167 9.34 -14.86 -10.47
C ASP A 167 8.99 -16.36 -10.48
N TYR A 168 8.35 -16.83 -9.41
CA TYR A 168 7.85 -18.21 -9.34
C TYR A 168 6.32 -18.24 -9.28
N GLU A 169 5.72 -17.07 -9.46
CA GLU A 169 4.27 -16.87 -9.41
C GLU A 169 3.80 -16.18 -10.72
N ASP A 170 2.50 -16.14 -11.02
CA ASP A 170 1.43 -16.91 -10.38
C ASP A 170 1.35 -18.26 -11.08
N ALA A 171 1.37 -19.35 -10.30
CA ALA A 171 1.44 -20.68 -10.89
C ALA A 171 0.07 -21.35 -10.92
N SER A 172 -0.97 -20.64 -10.52
CA SER A 172 -2.31 -21.21 -10.51
C SER A 172 -2.83 -21.48 -11.92
N ALA A 173 -3.82 -22.36 -12.03
CA ALA A 173 -4.38 -22.73 -13.34
C ALA A 173 -4.88 -21.56 -14.19
N PRO A 174 -5.64 -20.61 -13.60
CA PRO A 174 -6.09 -19.50 -14.45
C PRO A 174 -4.94 -18.64 -14.93
N ALA A 175 -3.88 -18.53 -14.12
CA ALA A 175 -2.71 -17.77 -14.53
C ALA A 175 -2.01 -18.48 -15.68
N ILE A 176 -1.87 -19.80 -15.57
CA ILE A 176 -1.24 -20.60 -16.61
C ILE A 176 -1.97 -20.42 -17.95
N THR A 177 -3.30 -20.45 -17.88
CA THR A 177 -4.12 -20.27 -19.07
C THR A 177 -3.92 -18.86 -19.64
N ALA A 178 -3.86 -17.86 -18.76
CA ALA A 178 -3.65 -16.49 -19.22
C ALA A 178 -2.32 -16.35 -19.96
N TYR A 179 -1.27 -16.97 -19.43
CA TYR A 179 0.04 -16.89 -20.09
C TYR A 179 -0.01 -17.57 -21.45
N GLN A 180 -0.67 -18.72 -21.52
CA GLN A 180 -0.75 -19.48 -22.76
C GLN A 180 -1.49 -18.66 -23.81
N GLN A 181 -2.61 -18.05 -23.41
CA GLN A 181 -3.44 -17.30 -24.34
C GLN A 181 -2.73 -16.01 -24.78
N ALA A 182 -1.76 -15.57 -23.98
CA ALA A 182 -0.94 -14.41 -24.32
C ALA A 182 0.29 -14.77 -25.17
N GLY A 183 0.48 -16.05 -25.44
CA GLY A 183 1.51 -16.47 -26.38
C GLY A 183 2.79 -16.99 -25.75
N PHE A 184 2.80 -17.11 -24.42
CA PHE A 184 3.95 -17.66 -23.71
C PHE A 184 4.00 -19.17 -23.88
N SER A 185 5.21 -19.70 -23.93
CA SER A 185 5.46 -21.08 -24.31
C SER A 185 6.02 -21.90 -23.17
N GLY A 186 5.38 -23.03 -22.89
CA GLY A 186 5.94 -23.97 -21.94
C GLY A 186 5.38 -23.83 -20.54
N SER A 187 5.90 -24.64 -19.63
CA SER A 187 5.51 -24.55 -18.23
C SER A 187 5.99 -23.24 -17.66
N LEU A 188 5.53 -22.89 -16.46
CA LEU A 188 6.05 -21.71 -15.78
C LEU A 188 7.56 -21.83 -15.60
N SER A 189 8.05 -23.02 -15.25
CA SER A 189 9.47 -23.16 -14.97
C SER A 189 10.30 -22.88 -16.24
N GLU A 190 9.78 -23.28 -17.39
CA GLU A 190 10.43 -23.00 -18.65
C GLU A 190 10.38 -21.51 -19.03
N ILE A 191 9.21 -20.88 -18.86
CA ILE A 191 9.09 -19.45 -19.16
C ILE A 191 10.08 -18.59 -18.35
N ARG A 192 10.07 -18.76 -17.03
CA ARG A 192 10.90 -17.93 -16.16
C ARG A 192 12.40 -18.07 -16.44
N GLN A 193 12.80 -19.19 -17.06
CA GLN A 193 14.21 -19.37 -17.38
C GLN A 193 14.51 -19.27 -18.88
N ASN A 194 13.53 -18.79 -19.65
CA ASN A 194 13.68 -18.59 -21.09
C ASN A 194 14.11 -17.17 -21.40
N PRO A 195 15.36 -16.98 -21.86
CA PRO A 195 15.89 -15.63 -22.10
C PRO A 195 15.00 -14.78 -23.02
N GLU A 196 14.24 -15.42 -23.89
CA GLU A 196 13.47 -14.70 -24.90
C GLU A 196 12.05 -14.39 -24.45
N GLN A 197 11.64 -14.96 -23.33
CA GLN A 197 10.29 -14.76 -22.82
C GLN A 197 10.24 -14.27 -21.38
N PHE A 198 11.32 -14.42 -20.60
CA PHE A 198 11.18 -14.15 -19.18
C PHE A 198 10.93 -12.67 -18.90
N LYS A 199 11.52 -11.77 -19.68
CA LYS A 199 11.30 -10.33 -19.44
C LYS A 199 9.89 -9.91 -19.82
N GLN A 200 9.44 -10.41 -20.96
CA GLN A 200 8.08 -10.18 -21.41
C GLN A 200 7.09 -10.71 -20.39
N TRP A 201 7.44 -11.83 -19.77
CA TRP A 201 6.56 -12.46 -18.79
C TRP A 201 6.44 -11.60 -17.53
N ALA A 202 7.58 -11.08 -17.08
CA ALA A 202 7.57 -10.18 -15.92
C ALA A 202 6.71 -8.96 -16.22
N ARG A 203 6.87 -8.39 -17.41
CA ARG A 203 6.09 -7.20 -17.77
C ARG A 203 4.60 -7.52 -17.91
N PHE A 204 4.30 -8.71 -18.43
CA PHE A 204 2.90 -9.15 -18.57
C PHE A 204 2.22 -9.16 -17.20
N LYS A 205 2.92 -9.69 -16.22
CA LYS A 205 2.39 -9.76 -14.85
C LYS A 205 2.27 -8.37 -14.22
N SER A 206 3.24 -7.50 -14.46
CA SER A 206 3.18 -6.15 -13.92
C SER A 206 1.96 -5.43 -14.49
N ARG A 207 1.76 -5.54 -15.80
CA ARG A 207 0.61 -4.92 -16.44
C ARG A 207 -0.71 -5.52 -15.96
N ALA A 208 -0.70 -6.81 -15.66
CA ALA A 208 -1.93 -7.48 -15.22
C ALA A 208 -2.35 -6.93 -13.87
N LEU A 209 -1.38 -6.73 -12.99
CA LEU A 209 -1.67 -6.17 -11.68
C LEU A 209 -2.19 -4.74 -11.79
N THR A 210 -1.49 -3.92 -12.56
CA THR A 210 -1.88 -2.53 -12.75
C THR A 210 -3.27 -2.42 -13.38
N ASP A 211 -3.53 -3.18 -14.43
CA ASP A 211 -4.85 -3.19 -15.06
C ASP A 211 -5.93 -3.55 -14.06
N PHE A 212 -5.66 -4.52 -13.19
CA PHE A 212 -6.65 -4.88 -12.19
C PHE A 212 -6.94 -3.71 -11.25
N THR A 213 -5.90 -3.01 -10.80
CA THR A 213 -6.15 -1.87 -9.92
C THR A 213 -6.94 -0.77 -10.67
N LEU A 214 -6.67 -0.59 -11.96
CA LEU A 214 -7.34 0.48 -12.70
C LEU A 214 -8.82 0.14 -12.92
N GLU A 215 -9.10 -1.16 -13.00
CA GLU A 215 -10.46 -1.67 -13.04
C GLU A 215 -11.20 -1.37 -11.74
N LEU A 216 -10.52 -1.61 -10.61
CA LEU A 216 -11.10 -1.28 -9.30
C LEU A 216 -11.32 0.21 -9.17
N SER A 217 -10.36 1.00 -9.63
CA SER A 217 -10.50 2.45 -9.58
C SER A 217 -11.68 2.92 -10.43
N ALA A 218 -11.82 2.35 -11.62
CA ALA A 218 -12.96 2.70 -12.48
C ALA A 218 -14.30 2.41 -11.79
N ARG A 219 -14.37 1.30 -11.06
CA ARG A 219 -15.60 0.94 -10.34
C ARG A 219 -15.94 1.93 -9.24
N VAL A 220 -14.92 2.41 -8.53
CA VAL A 220 -15.13 3.41 -7.48
C VAL A 220 -15.53 4.74 -8.10
N LYS A 221 -14.84 5.11 -9.18
CA LYS A 221 -15.12 6.37 -9.85
C LYS A 221 -16.52 6.41 -10.43
N ALA A 222 -17.03 5.26 -10.86
CA ALA A 222 -18.39 5.18 -11.40
C ALA A 222 -19.41 5.60 -10.33
N ILE A 223 -19.02 5.43 -9.07
CA ILE A 223 -19.89 5.67 -7.94
C ILE A 223 -19.63 7.05 -7.33
N ARG A 224 -18.38 7.32 -6.97
CA ARG A 224 -18.03 8.56 -6.29
C ARG A 224 -17.63 9.70 -7.23
N GLY A 225 -17.42 9.40 -8.51
CA GLY A 225 -17.07 10.44 -9.46
C GLY A 225 -15.63 10.39 -9.93
N PRO A 226 -15.30 11.17 -10.97
CA PRO A 226 -14.02 11.15 -11.68
C PRO A 226 -12.89 11.83 -10.90
N HIS A 227 -13.25 12.56 -9.86
CA HIS A 227 -12.32 13.35 -9.05
C HIS A 227 -11.47 12.52 -8.11
N ILE A 228 -11.88 11.27 -7.91
CA ILE A 228 -11.16 10.38 -7.02
C ILE A 228 -9.71 10.20 -7.47
N LYS A 229 -8.78 10.47 -6.57
CA LYS A 229 -7.35 10.30 -6.85
C LYS A 229 -6.92 8.87 -6.63
N THR A 230 -5.87 8.43 -7.33
CA THR A 230 -5.33 7.08 -7.08
C THR A 230 -3.89 7.12 -6.60
N ALA A 231 -3.57 6.23 -5.67
CA ALA A 231 -2.20 6.03 -5.23
C ALA A 231 -1.96 4.54 -5.11
N ARG A 232 -0.72 4.13 -5.19
CA ARG A 232 -0.37 2.72 -4.98
C ARG A 232 0.99 2.65 -4.34
N ASN A 233 1.14 1.79 -3.35
CA ASN A 233 2.42 1.56 -2.71
C ASN A 233 3.33 0.72 -3.62
N ILE A 234 4.56 1.18 -3.79
CA ILE A 234 5.55 0.44 -4.53
C ILE A 234 6.73 0.13 -3.59
N PHE A 235 7.30 -1.07 -3.72
CA PHE A 235 8.49 -1.41 -2.96
C PHE A 235 9.66 -0.62 -3.48
N ALA A 236 10.68 -0.43 -2.65
CA ALA A 236 11.83 0.39 -3.02
C ALA A 236 12.70 -0.26 -4.10
N LEU A 237 12.81 -1.59 -4.07
CA LEU A 237 13.70 -2.26 -5.03
C LEU A 237 13.31 -2.02 -6.48
N PRO A 238 12.00 -2.11 -6.83
CA PRO A 238 11.66 -1.81 -8.23
C PRO A 238 12.06 -0.38 -8.64
N VAL A 239 12.17 0.53 -7.68
CA VAL A 239 12.63 1.89 -7.96
C VAL A 239 14.15 1.96 -8.13
N ILE A 240 14.89 1.44 -7.15
CA ILE A 240 16.35 1.58 -7.20
C ILE A 240 17.03 0.50 -8.04
N GLN A 241 16.41 -0.65 -8.17
CA GLN A 241 16.99 -1.79 -8.90
C GLN A 241 15.94 -2.35 -9.85
N PRO A 242 15.78 -1.71 -11.01
CA PRO A 242 14.63 -2.02 -11.89
C PRO A 242 14.56 -3.48 -12.36
N GLU A 243 15.69 -4.20 -12.38
CA GLU A 243 15.62 -5.59 -12.83
C GLU A 243 14.77 -6.40 -11.84
N SER A 244 14.57 -5.85 -10.64
CA SER A 244 13.79 -6.53 -9.60
C SER A 244 12.31 -6.58 -9.92
N GLU A 245 11.86 -5.87 -10.96
CA GLU A 245 10.50 -6.08 -11.45
C GLU A 245 10.24 -7.57 -11.75
N ALA A 246 11.29 -8.31 -12.10
CA ALA A 246 11.16 -9.74 -12.38
C ALA A 246 10.59 -10.53 -11.20
N TRP A 247 10.86 -10.11 -9.97
CA TRP A 247 10.29 -10.83 -8.83
C TRP A 247 9.40 -9.96 -7.94
N PHE A 248 8.99 -8.79 -8.41
CA PHE A 248 7.95 -8.00 -7.75
C PHE A 248 6.70 -7.81 -8.64
N ALA A 249 6.88 -7.86 -9.95
CA ALA A 249 5.84 -7.46 -10.91
C ALA A 249 5.32 -6.05 -10.61
N GLN A 250 6.24 -5.16 -10.24
CA GLN A 250 5.93 -3.74 -10.09
C GLN A 250 6.96 -2.97 -10.91
N ASN A 251 6.50 -1.95 -11.63
CA ASN A 251 7.37 -1.19 -12.53
C ASN A 251 7.15 0.28 -12.23
N TYR A 252 8.21 0.97 -11.82
CA TYR A 252 8.08 2.35 -11.33
C TYR A 252 7.54 3.29 -12.40
N ALA A 253 8.08 3.20 -13.61
CA ALA A 253 7.60 4.01 -14.74
C ALA A 253 6.11 3.81 -14.99
N ASP A 254 5.67 2.56 -14.88
CA ASP A 254 4.26 2.19 -15.07
C ASP A 254 3.37 2.83 -13.99
N PHE A 255 3.83 2.80 -12.74
CA PHE A 255 3.12 3.44 -11.63
C PHE A 255 2.97 4.93 -11.89
N LEU A 256 4.05 5.58 -12.33
CA LEU A 256 4.03 7.02 -12.56
C LEU A 256 3.04 7.39 -13.66
N LYS A 257 2.91 6.51 -14.65
CA LYS A 257 2.00 6.74 -15.76
C LYS A 257 0.55 6.42 -15.39
N SER A 258 0.35 5.52 -14.46
CA SER A 258 -0.97 4.97 -14.18
C SER A 258 -1.71 5.60 -12.99
N TYR A 259 -0.97 6.09 -12.00
CA TYR A 259 -1.58 6.62 -10.77
C TYR A 259 -1.28 8.10 -10.56
N ASP A 260 -2.15 8.78 -9.82
CA ASP A 260 -1.86 10.16 -9.46
C ASP A 260 -0.64 10.22 -8.54
N TRP A 261 -0.53 9.27 -7.62
CA TRP A 261 0.60 9.22 -6.70
C TRP A 261 1.22 7.84 -6.60
N THR A 262 2.54 7.81 -6.63
CA THR A 262 3.27 6.58 -6.36
C THR A 262 3.91 6.69 -4.98
N ALA A 263 3.46 5.85 -4.06
CA ALA A 263 3.89 5.94 -2.67
C ALA A 263 5.01 4.94 -2.43
N ILE A 264 6.24 5.45 -2.47
CA ILE A 264 7.42 4.60 -2.38
C ILE A 264 7.68 4.27 -0.92
N MET A 265 7.86 2.98 -0.63
CA MET A 265 8.15 2.57 0.73
C MET A 265 9.64 2.73 0.99
N ALA A 266 9.98 3.96 1.35
CA ALA A 266 11.36 4.38 1.59
C ALA A 266 11.78 3.97 2.99
N MET A 267 11.91 2.66 3.19
CA MET A 267 12.08 2.10 4.51
C MET A 267 13.33 1.23 4.56
N PRO A 268 14.46 1.83 4.96
CA PRO A 268 15.74 1.12 4.86
C PRO A 268 15.82 -0.09 5.77
N TYR A 269 15.25 -0.01 6.97
CA TYR A 269 15.36 -1.14 7.88
C TYR A 269 14.51 -2.31 7.41
N LEU A 270 13.40 -2.01 6.75
CA LEU A 270 12.59 -3.03 6.10
C LEU A 270 13.42 -3.76 5.04
N GLU A 271 14.27 -3.01 4.36
CA GLU A 271 15.10 -3.53 3.29
C GLU A 271 16.41 -4.15 3.77
N GLY A 272 16.57 -4.27 5.09
CA GLY A 272 17.75 -4.92 5.65
C GLY A 272 19.00 -4.07 5.71
N VAL A 273 18.84 -2.77 5.47
CA VAL A 273 19.97 -1.84 5.50
C VAL A 273 20.41 -1.56 6.94
N ALA A 274 21.72 -1.53 7.17
CA ALA A 274 22.28 -1.25 8.49
C ALA A 274 22.02 0.18 8.94
N GLU A 275 21.88 0.39 10.25
CA GLU A 275 21.55 1.72 10.79
C GLU A 275 22.48 2.82 10.28
N LYS A 276 23.78 2.53 10.26
CA LYS A 276 24.76 3.53 9.84
C LYS A 276 24.78 3.75 8.32
N SER A 277 24.02 2.94 7.58
CA SER A 277 23.95 3.08 6.12
C SER A 277 22.61 3.59 5.63
N ALA A 278 21.68 3.79 6.54
CA ALA A 278 20.31 4.13 6.15
C ALA A 278 20.22 5.48 5.45
N ASP A 279 20.94 6.48 5.95
CA ASP A 279 20.92 7.82 5.34
C ASP A 279 21.41 7.76 3.90
N GLN A 280 22.52 7.06 3.68
CA GLN A 280 23.06 6.95 2.34
C GLN A 280 22.10 6.22 1.42
N TRP A 281 21.44 5.20 1.97
CA TRP A 281 20.44 4.47 1.21
C TRP A 281 19.31 5.40 0.76
N LEU A 282 18.85 6.26 1.66
CA LEU A 282 17.80 7.20 1.31
C LEU A 282 18.28 8.23 0.28
N ILE A 283 19.51 8.68 0.41
CA ILE A 283 20.07 9.63 -0.55
C ILE A 283 20.15 8.99 -1.93
N GLN A 284 20.59 7.73 -1.97
CA GLN A 284 20.65 7.00 -3.24
C GLN A 284 19.27 6.85 -3.86
N LEU A 285 18.27 6.52 -3.03
CA LEU A 285 16.90 6.39 -3.53
C LEU A 285 16.40 7.70 -4.13
N THR A 286 16.56 8.79 -3.39
CA THR A 286 16.07 10.07 -3.90
C THR A 286 16.87 10.54 -5.12
N ASN A 287 18.16 10.24 -5.17
CA ASN A 287 18.95 10.57 -6.37
C ASN A 287 18.41 9.87 -7.61
N GLN A 288 17.99 8.63 -7.41
CA GLN A 288 17.44 7.80 -8.48
C GLN A 288 16.14 8.42 -9.02
N ILE A 289 15.29 8.83 -8.10
CA ILE A 289 14.01 9.46 -8.44
C ILE A 289 14.22 10.77 -9.20
N LYS A 290 15.13 11.60 -8.71
CA LYS A 290 15.35 12.90 -9.33
C LYS A 290 15.93 12.76 -10.75
N ASN A 291 16.51 11.60 -11.04
CA ASN A 291 17.07 11.37 -12.37
C ASN A 291 16.01 11.00 -13.40
N ILE A 292 14.78 10.85 -12.94
CA ILE A 292 13.65 10.56 -13.82
C ILE A 292 12.75 11.80 -13.85
N PRO A 293 12.74 12.52 -14.98
CA PRO A 293 12.03 13.79 -15.12
C PRO A 293 10.60 13.75 -14.56
N GLN A 294 10.37 14.59 -13.55
CA GLN A 294 9.06 14.80 -12.91
C GLN A 294 8.59 13.63 -12.05
N ALA A 295 9.40 12.60 -11.91
CA ALA A 295 9.05 11.50 -11.00
C ALA A 295 8.77 12.03 -9.58
N LYS A 296 9.64 12.91 -9.08
CA LYS A 296 9.45 13.46 -7.73
C LYS A 296 8.09 14.16 -7.58
N ASP A 297 7.58 14.73 -8.67
CA ASP A 297 6.31 15.46 -8.65
C ASP A 297 5.09 14.55 -8.49
N LYS A 298 5.26 13.26 -8.75
CA LYS A 298 4.15 12.30 -8.68
C LYS A 298 4.43 11.21 -7.65
N SER A 299 5.48 11.39 -6.86
CA SER A 299 5.89 10.36 -5.90
C SER A 299 5.78 10.88 -4.49
N ILE A 300 5.38 9.99 -3.59
CA ILE A 300 5.45 10.25 -2.16
C ILE A 300 6.47 9.30 -1.54
N LEU A 301 7.41 9.84 -0.77
CA LEU A 301 8.38 9.00 -0.08
C LEU A 301 7.83 8.65 1.31
N GLU A 302 7.49 7.39 1.51
CA GLU A 302 6.90 6.97 2.76
C GLU A 302 7.94 6.33 3.69
N LEU A 303 8.23 7.01 4.81
CA LEU A 303 9.21 6.55 5.79
C LEU A 303 8.58 5.59 6.79
N GLN A 304 9.40 4.75 7.43
CA GLN A 304 8.87 3.82 8.43
C GLN A 304 9.01 4.41 9.84
N ALA A 305 7.97 4.29 10.64
CA ALA A 305 8.03 4.76 12.03
C ALA A 305 8.07 3.58 12.99
N GLN A 306 8.07 2.37 12.43
CA GLN A 306 8.35 1.18 13.23
C GLN A 306 9.33 0.27 12.50
N ASN A 307 10.04 -0.54 13.27
CA ASN A 307 10.96 -1.54 12.73
C ASN A 307 10.28 -2.89 12.93
N TRP A 308 9.81 -3.49 11.85
CA TRP A 308 8.99 -4.70 11.96
C TRP A 308 9.81 -5.97 12.11
N GLN A 309 9.31 -6.83 12.98
CA GLN A 309 9.84 -8.16 13.14
C GLN A 309 8.86 -9.14 12.52
N LYS A 310 9.30 -9.85 11.48
CA LYS A 310 8.45 -10.83 10.80
C LYS A 310 7.84 -11.83 11.78
N ASN A 311 8.43 -11.88 12.98
CA ASN A 311 7.81 -12.51 14.13
C ASN A 311 6.51 -11.79 14.49
N GLY A 312 6.61 -10.57 15.02
CA GLY A 312 5.44 -9.77 15.29
C GLY A 312 5.54 -8.72 16.39
N GLN A 313 6.62 -8.73 17.15
CA GLN A 313 6.78 -7.76 18.25
C GLN A 313 7.55 -6.55 17.75
N HIS A 314 6.88 -5.72 16.96
CA HIS A 314 7.49 -4.56 16.31
C HIS A 314 8.15 -3.61 17.30
N GLN A 315 9.14 -2.87 16.82
CA GLN A 315 9.87 -1.92 17.65
C GLN A 315 9.72 -0.51 17.08
N ALA A 316 9.46 0.44 17.96
CA ALA A 316 9.28 1.82 17.53
C ALA A 316 10.60 2.39 17.02
N ILE A 317 10.53 3.22 15.99
CA ILE A 317 11.67 4.03 15.58
C ILE A 317 11.54 5.36 16.32
N SER A 318 12.65 5.93 16.80
CA SER A 318 12.55 7.11 17.67
C SER A 318 12.01 8.30 16.89
N SER A 319 11.35 9.21 17.59
CA SER A 319 10.84 10.41 16.93
C SER A 319 11.99 11.20 16.33
N GLN A 320 13.12 11.22 17.04
CA GLN A 320 14.31 11.93 16.57
C GLN A 320 14.82 11.34 15.26
N GLN A 321 14.84 10.01 15.17
CA GLN A 321 15.27 9.34 13.94
C GLN A 321 14.35 9.67 12.77
N LEU A 322 13.04 9.64 13.01
CA LEU A 322 12.08 9.94 11.95
C LEU A 322 12.23 11.39 11.49
N ALA A 323 12.35 12.31 12.44
CA ALA A 323 12.52 13.72 12.11
C ALA A 323 13.82 13.94 11.32
N HIS A 324 14.87 13.22 11.71
CA HIS A 324 16.14 13.26 11.01
C HIS A 324 15.99 12.87 9.54
N TRP A 325 15.24 11.80 9.29
CA TRP A 325 15.01 11.34 7.93
C TRP A 325 14.15 12.33 7.14
N MET A 326 13.15 12.91 7.78
CA MET A 326 12.35 13.93 7.09
C MET A 326 13.22 15.11 6.70
N SER A 327 14.09 15.55 7.60
CA SER A 327 15.02 16.64 7.33
C SER A 327 15.94 16.24 6.17
N LEU A 328 16.44 15.01 6.22
CA LEU A 328 17.30 14.48 5.17
C LEU A 328 16.62 14.57 3.79
N LEU A 329 15.35 14.15 3.72
CA LEU A 329 14.61 14.21 2.45
C LEU A 329 14.53 15.63 1.94
N GLN A 330 14.13 16.56 2.80
CA GLN A 330 14.02 17.96 2.40
C GLN A 330 15.34 18.51 1.91
N LEU A 331 16.43 18.20 2.61
CA LEU A 331 17.75 18.71 2.25
C LEU A 331 18.24 18.14 0.92
N ASN A 332 17.65 17.01 0.53
CA ASN A 332 17.99 16.36 -0.73
C ASN A 332 16.96 16.68 -1.83
N GLY A 333 16.09 17.64 -1.58
CA GLY A 333 15.23 18.17 -2.64
C GLY A 333 13.91 17.45 -2.79
N VAL A 334 13.53 16.67 -1.78
CA VAL A 334 12.27 15.94 -1.80
C VAL A 334 11.23 16.63 -0.93
N LYS A 335 10.09 16.98 -1.51
CA LYS A 335 9.08 17.77 -0.79
C LYS A 335 7.87 16.93 -0.37
N ASN A 336 7.65 15.81 -1.06
CA ASN A 336 6.47 14.98 -0.80
C ASN A 336 6.84 13.74 -0.02
N TYR A 337 6.40 13.67 1.23
CA TYR A 337 6.73 12.50 2.04
C TYR A 337 5.74 12.28 3.16
N GLY A 338 5.88 11.15 3.83
CA GLY A 338 4.97 10.80 4.91
C GLY A 338 5.57 9.65 5.69
N TYR A 339 4.76 9.02 6.54
CA TYR A 339 5.26 7.92 7.32
C TYR A 339 4.16 6.97 7.70
N TYR A 340 4.58 5.73 7.97
CA TYR A 340 3.71 4.67 8.42
C TYR A 340 4.43 3.89 9.51
N PRO A 341 3.73 3.50 10.60
CA PRO A 341 2.36 3.81 11.02
C PRO A 341 2.32 4.95 12.04
N ASP A 342 1.13 5.46 12.34
CA ASP A 342 0.96 6.47 13.39
C ASP A 342 0.37 5.79 14.63
N ASN A 343 0.78 6.22 15.81
CA ASN A 343 0.21 5.64 17.01
C ASN A 343 -0.30 6.75 17.93
N PHE A 344 -1.55 7.14 17.74
CA PHE A 344 -2.16 8.21 18.55
C PHE A 344 -2.22 7.88 20.04
N LEU A 345 -2.29 6.59 20.37
CA LEU A 345 -2.49 6.19 21.74
C LEU A 345 -1.29 6.58 22.60
N HIS A 346 -0.13 6.68 21.97
CA HIS A 346 1.11 6.91 22.68
C HIS A 346 1.86 8.16 22.22
N ASN A 347 1.23 8.96 21.36
CA ASN A 347 1.89 10.11 20.74
C ASN A 347 3.22 9.68 20.14
N GLN A 348 3.14 8.67 19.29
CA GLN A 348 4.33 8.11 18.68
C GLN A 348 4.05 8.02 17.18
N PRO A 349 4.81 8.77 16.36
CA PRO A 349 5.90 9.68 16.75
C PRO A 349 5.41 10.93 17.48
N GLU A 350 6.31 11.55 18.26
CA GLU A 350 5.96 12.70 19.08
C GLU A 350 5.65 13.89 18.18
N ILE A 351 4.42 14.38 18.26
CA ILE A 351 3.98 15.44 17.35
C ILE A 351 4.85 16.70 17.47
N ASP A 352 5.29 17.04 18.67
CA ASP A 352 6.13 18.23 18.86
C ASP A 352 7.51 18.10 18.23
N LEU A 353 7.99 16.87 18.05
CA LEU A 353 9.31 16.67 17.45
C LEU A 353 9.22 16.53 15.93
N ILE A 354 8.09 15.99 15.46
CA ILE A 354 7.89 15.71 14.05
C ILE A 354 7.36 16.96 13.31
N ARG A 355 6.47 17.69 13.93
CA ARG A 355 5.84 18.82 13.25
C ARG A 355 6.82 19.78 12.56
N PRO A 356 7.92 20.18 13.24
CA PRO A 356 8.74 21.17 12.54
C PRO A 356 9.40 20.66 11.26
N GLU A 357 9.46 19.35 11.07
CA GLU A 357 10.05 18.78 9.85
C GLU A 357 8.99 18.22 8.92
N PHE A 358 7.71 18.36 9.30
CA PHE A 358 6.66 17.61 8.59
C PHE A 358 5.54 18.53 8.11
N SER A 359 5.16 19.47 8.97
CA SER A 359 4.13 20.44 8.65
C SER A 359 4.73 21.69 8.01
N THR A 360 4.21 22.09 6.85
CA THR A 360 4.62 23.37 6.26
C THR A 360 4.11 24.56 7.09
N ALA A 361 3.13 24.31 7.94
CA ALA A 361 2.51 25.39 8.72
C ALA A 361 3.30 25.75 9.97
N TRP A 362 4.31 24.95 10.30
CA TRP A 362 5.05 25.14 11.55
C TRP A 362 5.74 26.50 11.64
N TYR A 363 5.70 27.10 12.83
CA TYR A 363 6.35 28.39 13.07
C TYR A 363 7.27 28.31 14.28
#